data_8BN8
#
_entry.id   8BN8
#
_cell.length_a   63.970
_cell.length_b   63.970
_cell.length_c   226.480
_cell.angle_alpha   90.000
_cell.angle_beta   90.000
_cell.angle_gamma   120.000
#
_symmetry.space_group_name_H-M   'P 32 2 1'
#
loop_
_entity.id
_entity.type
_entity.pdbx_description
1 polymer 'N6-adenosine-methyltransferase catalytic subunit'
2 polymer 'N6-adenosine-methyltransferase non-catalytic subunit'
3 non-polymer 2-[[4-(6-bromanyl-2~{H}-indazol-4-yl)-1,2,3-triazol-1-yl]methyl]-6-[(4,4-dimethylpiperidin-1-yl)methyl]imidazo[1,2-a]pyridine
4 water water
#
loop_
_entity_poly.entity_id
_entity_poly.type
_entity_poly.pdbx_seq_one_letter_code
_entity_poly.pdbx_strand_id
1 'polypeptide(L)'
;SSADRLFPPQWICCDIRYLDVSILGKFAVVMADPPWDIHMELPYGTLTDDEMRRLNIPVLQDDGFLFLWVTGRAMELGRE
CLNLWGYERVDEIIWVKTNQLQRIIRTGRTGHWLNHGKEHCLVGVKGNPQGFNQGLDCDVIVAEVRSTSHKPDEIYGMIE
RLSPGTRKIELFGRPHNVQPNWITLGNQLDGIHLLDPDVVARFKQRYPDGIISKPKNL
;
AAA
2 'polypeptide(L)'
;GSLKGTQSLNPHNDYCQHFVDTGHRPQNFIRDVGLADRFEEYPKLRELIRLKDELIAKSNTPPMYLQADIEAFDIRELTP
KFDVILLEPPLEEYYRETGITANEKCWTWDDIMKLEIDEIAAPRSFIFLWCGSGEGLDLGRVCLRKWGYRRCEDICWIKT
NKNNPGKTKTLDPKAVFQRTKEHCLMGIKGTVKRSTDGDFIHANVDIDLIITEEPEIGNIEKPVEIFHIIEHFCLGRRRL
HLFGRDSTIRPGWLTVGPTLTNSNYNAETYASYFSAPNSYLTGCTEEIERL
;
BBB
#
# COMPACT_ATOMS: atom_id res chain seq x y z
N LEU A 6 -9.33 -19.46 27.48
CA LEU A 6 -8.44 -18.37 26.91
C LEU A 6 -6.98 -18.83 27.09
N PHE A 7 -6.57 -19.84 26.30
CA PHE A 7 -5.33 -20.63 26.45
C PHE A 7 -4.11 -19.72 26.54
N PRO A 8 -3.11 -20.11 27.35
CA PRO A 8 -1.82 -19.43 27.33
C PRO A 8 -1.06 -19.75 26.06
N PRO A 9 0.13 -19.14 25.89
CA PRO A 9 0.89 -19.25 24.66
C PRO A 9 1.22 -20.70 24.30
N GLN A 10 1.17 -21.04 23.00
CA GLN A 10 1.53 -22.39 22.53
C GLN A 10 2.40 -22.16 21.33
N TRP A 11 3.30 -23.07 21.05
CA TRP A 11 4.13 -22.96 19.84
C TRP A 11 4.69 -24.32 19.43
N ILE A 12 5.19 -24.37 18.20
CA ILE A 12 5.80 -25.54 17.53
C ILE A 12 6.92 -24.98 16.68
N CYS A 13 8.15 -25.20 17.12
CA CYS A 13 9.35 -25.18 16.26
C CYS A 13 9.15 -26.19 15.17
N CYS A 14 9.12 -25.76 13.93
CA CYS A 14 9.00 -26.71 12.81
C CYS A 14 9.33 -25.98 11.53
N ASP A 15 9.40 -26.77 10.47
CA ASP A 15 9.51 -26.28 9.08
C ASP A 15 8.08 -26.33 8.56
N ILE A 16 7.52 -25.13 8.34
CA ILE A 16 6.07 -24.97 8.04
C ILE A 16 5.79 -25.51 6.63
N ARG A 17 6.82 -25.65 5.81
CA ARG A 17 6.65 -26.33 4.50
C ARG A 17 6.22 -27.78 4.71
N TYR A 18 6.70 -28.44 5.75
CA TYR A 18 6.52 -29.92 5.88
C TYR A 18 5.51 -30.28 6.97
N LEU A 19 5.22 -29.42 7.92
CA LEU A 19 4.26 -29.79 8.99
C LEU A 19 2.91 -30.13 8.35
N ASP A 20 2.28 -31.18 8.84
CA ASP A 20 0.85 -31.48 8.60
C ASP A 20 0.03 -30.54 9.49
N VAL A 21 -0.42 -29.41 8.94
CA VAL A 21 -1.14 -28.34 9.70
C VAL A 21 -2.60 -28.74 10.03
N SER A 22 -3.13 -29.77 9.43
CA SER A 22 -4.51 -30.24 9.73
C SER A 22 -4.65 -30.69 11.19
N ILE A 23 -3.58 -31.12 11.87
CA ILE A 23 -3.69 -31.48 13.31
C ILE A 23 -4.14 -30.28 14.15
N LEU A 24 -3.97 -29.06 13.66
CA LEU A 24 -4.06 -27.84 14.50
C LEU A 24 -5.51 -27.35 14.60
N GLY A 25 -6.42 -27.85 13.75
CA GLY A 25 -7.84 -27.38 13.76
C GLY A 25 -8.02 -26.05 13.01
N LYS A 26 -9.12 -25.36 13.25
CA LYS A 26 -9.56 -24.15 12.51
C LYS A 26 -9.37 -22.93 13.39
N PHE A 27 -9.12 -21.77 12.79
CA PHE A 27 -8.74 -20.52 13.50
C PHE A 27 -9.60 -19.36 12.99
N ALA A 28 -10.02 -18.47 13.87
CA ALA A 28 -10.79 -17.27 13.51
C ALA A 28 -9.85 -16.30 12.75
N VAL A 29 -8.54 -16.34 13.07
CA VAL A 29 -7.51 -15.41 12.54
C VAL A 29 -6.21 -16.17 12.29
N VAL A 30 -5.70 -15.98 11.08
CA VAL A 30 -4.34 -16.42 10.69
C VAL A 30 -3.50 -15.16 10.46
N MET A 31 -2.30 -15.12 10.99
CA MET A 31 -1.34 -14.03 10.69
C MET A 31 -0.06 -14.70 10.21
N ALA A 32 0.53 -14.13 9.17
CA ALA A 32 1.76 -14.67 8.61
C ALA A 32 2.67 -13.50 8.32
N ASP A 33 3.93 -13.63 8.72
CA ASP A 33 5.00 -12.65 8.42
C ASP A 33 6.14 -13.38 7.72
N PRO A 34 5.97 -13.86 6.47
CA PRO A 34 6.93 -14.74 5.86
C PRO A 34 8.20 -14.00 5.47
N PRO A 35 9.35 -14.71 5.49
CA PRO A 35 10.58 -14.22 4.88
C PRO A 35 10.53 -14.45 3.38
N TRP A 36 9.83 -13.57 2.68
CA TRP A 36 9.67 -13.60 1.22
C TRP A 36 11.04 -13.47 0.59
N ASP A 37 11.19 -14.14 -0.52
CA ASP A 37 12.26 -13.91 -1.50
C ASP A 37 11.99 -12.54 -2.12
N ILE A 38 12.71 -11.49 -1.76
CA ILE A 38 12.39 -10.15 -2.30
C ILE A 38 13.45 -9.77 -3.37
N HIS A 39 14.25 -10.74 -3.82
CA HIS A 39 15.26 -10.54 -4.90
C HIS A 39 16.32 -9.54 -4.45
N MET A 40 16.66 -9.54 -3.18
CA MET A 40 17.84 -8.82 -2.63
C MET A 40 18.57 -9.80 -1.74
N GLU A 41 19.89 -9.65 -1.62
CA GLU A 41 20.65 -10.44 -0.63
C GLU A 41 20.19 -10.00 0.76
N LEU A 42 19.97 -10.97 1.63
CA LEU A 42 19.41 -10.73 2.99
C LEU A 42 20.21 -11.52 4.01
N PRO A 43 20.30 -10.97 5.24
CA PRO A 43 20.90 -11.69 6.35
C PRO A 43 20.34 -13.10 6.44
N TYR A 44 19.03 -13.29 6.30
CA TYR A 44 18.31 -14.54 6.71
C TYR A 44 17.84 -15.31 5.48
N GLY A 45 17.55 -16.60 5.66
CA GLY A 45 16.91 -17.50 4.68
C GLY A 45 15.49 -17.06 4.30
N THR A 46 15.09 -17.34 3.06
CA THR A 46 13.77 -16.99 2.51
C THR A 46 13.14 -18.27 1.96
N LEU A 47 11.83 -18.24 1.69
CA LEU A 47 11.14 -19.31 0.94
C LEU A 47 10.96 -18.82 -0.51
N THR A 48 11.05 -19.74 -1.43
CA THR A 48 10.79 -19.41 -2.85
C THR A 48 9.32 -19.09 -3.00
N ASP A 49 9.02 -18.37 -4.09
CA ASP A 49 7.64 -18.10 -4.56
C ASP A 49 6.82 -19.39 -4.49
N ASP A 50 7.33 -20.52 -4.97
CA ASP A 50 6.53 -21.78 -5.10
C ASP A 50 6.21 -22.32 -3.71
N GLU A 51 7.18 -22.27 -2.79
CA GLU A 51 6.95 -22.84 -1.44
C GLU A 51 5.89 -21.96 -0.78
N MET A 52 5.94 -20.65 -1.01
CA MET A 52 4.92 -19.74 -0.46
C MET A 52 3.54 -20.12 -1.03
N ARG A 53 3.39 -20.25 -2.34
CA ARG A 53 2.10 -20.62 -2.99
C ARG A 53 1.60 -21.96 -2.46
N ARG A 54 2.50 -22.90 -2.18
CA ARG A 54 2.16 -24.30 -1.85
C ARG A 54 1.81 -24.41 -0.36
N LEU A 55 2.09 -23.43 0.49
CA LEU A 55 1.77 -23.53 1.94
C LEU A 55 0.29 -23.95 2.13
N ASN A 56 0.05 -24.86 3.03
CA ASN A 56 -1.30 -25.41 3.23
C ASN A 56 -2.13 -24.48 4.15
N ILE A 57 -2.22 -23.21 3.78
CA ILE A 57 -3.07 -22.19 4.45
C ILE A 57 -4.55 -22.56 4.35
N PRO A 58 -5.09 -23.10 3.24
CA PRO A 58 -6.54 -23.31 3.14
C PRO A 58 -7.15 -24.26 4.16
N VAL A 59 -6.35 -25.13 4.77
CA VAL A 59 -6.84 -26.05 5.83
C VAL A 59 -7.06 -25.30 7.16
N LEU A 60 -6.49 -24.10 7.36
CA LEU A 60 -6.42 -23.50 8.71
C LEU A 60 -7.72 -22.78 9.08
N GLN A 61 -8.55 -22.41 8.12
CA GLN A 61 -9.78 -21.66 8.41
C GLN A 61 -10.89 -22.10 7.48
N ASP A 62 -12.13 -21.97 7.95
CA ASP A 62 -13.37 -22.01 7.16
C ASP A 62 -13.88 -20.57 7.03
N ASP A 63 -13.93 -19.82 8.12
CA ASP A 63 -14.52 -18.46 8.12
C ASP A 63 -13.57 -17.59 8.91
N GLY A 64 -13.01 -16.54 8.33
CA GLY A 64 -12.22 -15.61 9.15
C GLY A 64 -11.16 -14.85 8.38
N PHE A 65 -10.22 -14.25 9.10
CA PHE A 65 -9.35 -13.21 8.50
C PHE A 65 -7.92 -13.77 8.46
N LEU A 66 -7.19 -13.34 7.43
CA LEU A 66 -5.75 -13.60 7.27
C LEU A 66 -5.04 -12.24 7.33
N PHE A 67 -4.02 -12.08 8.17
CA PHE A 67 -3.11 -10.91 8.17
C PHE A 67 -1.79 -11.30 7.57
N LEU A 68 -1.48 -10.69 6.42
CA LEU A 68 -0.28 -11.08 5.61
C LEU A 68 0.70 -9.89 5.42
N TRP A 69 1.82 -9.91 6.16
CA TRP A 69 2.87 -8.90 6.04
C TRP A 69 3.59 -9.05 4.70
N VAL A 70 3.76 -7.93 4.02
CA VAL A 70 4.33 -7.93 2.64
C VAL A 70 5.30 -6.78 2.57
N THR A 71 6.37 -6.96 1.84
CA THR A 71 7.35 -5.91 1.48
C THR A 71 7.73 -6.08 -0.01
N GLY A 72 8.14 -5.01 -0.66
CA GLY A 72 8.80 -5.11 -1.97
C GLY A 72 7.87 -5.81 -2.95
N ARG A 73 8.43 -6.72 -3.76
CA ARG A 73 7.63 -7.43 -4.78
C ARG A 73 6.60 -8.36 -4.11
N ALA A 74 6.71 -8.66 -2.81
CA ALA A 74 5.69 -9.41 -2.05
C ALA A 74 4.36 -8.64 -1.93
N MET A 75 4.30 -7.34 -2.24
CA MET A 75 3.01 -6.61 -2.30
C MET A 75 2.12 -7.24 -3.38
N GLU A 76 2.75 -7.73 -4.45
CA GLU A 76 2.11 -8.38 -5.61
C GLU A 76 2.04 -9.88 -5.33
N LEU A 77 3.14 -10.51 -4.92
CA LEU A 77 3.16 -11.97 -4.67
C LEU A 77 2.22 -12.30 -3.49
N GLY A 78 2.19 -11.46 -2.45
CA GLY A 78 1.30 -11.73 -1.29
C GLY A 78 -0.13 -11.68 -1.72
N ARG A 79 -0.47 -10.79 -2.66
CA ARG A 79 -1.87 -10.70 -3.19
C ARG A 79 -2.21 -11.94 -3.98
N GLU A 80 -1.25 -12.42 -4.74
CA GLU A 80 -1.44 -13.69 -5.49
C GLU A 80 -1.71 -14.80 -4.48
N CYS A 81 -0.83 -14.95 -3.51
CA CYS A 81 -0.91 -16.05 -2.56
C CYS A 81 -2.26 -15.96 -1.85
N LEU A 82 -2.63 -14.76 -1.46
CA LEU A 82 -3.89 -14.53 -0.70
C LEU A 82 -5.08 -15.01 -1.55
N ASN A 83 -5.09 -14.74 -2.87
CA ASN A 83 -6.19 -15.22 -3.77
C ASN A 83 -6.03 -16.72 -4.00
N LEU A 84 -4.82 -17.25 -4.21
CA LEU A 84 -4.66 -18.69 -4.48
C LEU A 84 -5.20 -19.42 -3.26
N TRP A 85 -5.02 -18.89 -2.06
CA TRP A 85 -5.42 -19.58 -0.81
C TRP A 85 -6.92 -19.52 -0.51
N GLY A 86 -7.73 -18.78 -1.29
CA GLY A 86 -9.21 -18.67 -1.17
C GLY A 86 -9.67 -17.42 -0.38
N TYR A 87 -8.88 -16.36 -0.35
CA TYR A 87 -9.20 -15.10 0.36
C TYR A 87 -9.43 -14.00 -0.67
N GLU A 88 -10.28 -13.05 -0.29
CA GLU A 88 -10.36 -11.71 -0.92
C GLU A 88 -9.65 -10.72 -0.01
N ARG A 89 -8.81 -9.86 -0.56
CA ARG A 89 -8.15 -8.77 0.19
C ARG A 89 -9.20 -7.71 0.49
N VAL A 90 -9.49 -7.44 1.78
CA VAL A 90 -10.53 -6.44 2.13
C VAL A 90 -9.95 -5.27 2.93
N ASP A 91 -8.67 -5.28 3.27
CA ASP A 91 -8.10 -4.12 4.00
C ASP A 91 -6.60 -4.20 3.86
N GLU A 92 -5.95 -3.11 4.18
CA GLU A 92 -4.50 -3.08 4.13
C GLU A 92 -4.07 -2.16 5.28
N ILE A 93 -3.42 -2.74 6.27
CA ILE A 93 -2.93 -1.91 7.41
C ILE A 93 -1.58 -1.32 7.02
N ILE A 94 -1.27 -0.11 7.39
CA ILE A 94 0.17 0.25 7.31
C ILE A 94 0.65 0.62 8.70
N TRP A 95 1.84 0.18 9.01
CA TRP A 95 2.58 0.56 10.23
C TRP A 95 3.54 1.72 9.92
N VAL A 96 3.29 2.90 10.48
CA VAL A 96 4.20 4.05 10.36
C VAL A 96 5.28 3.86 11.43
N LYS A 97 6.52 3.66 10.99
CA LYS A 97 7.70 3.44 11.84
C LYS A 97 8.13 4.77 12.46
N THR A 98 8.14 4.88 13.79
CA THR A 98 8.59 6.09 14.53
C THR A 98 9.84 5.76 15.37
N ASN A 99 10.57 6.80 15.77
CA ASN A 99 11.50 6.77 16.93
C ASN A 99 10.70 7.10 18.20
N GLN A 100 11.42 7.31 19.32
CA GLN A 100 10.91 7.47 20.72
C GLN A 100 10.23 8.84 20.83
N LEU A 101 10.64 9.79 20.01
CA LEU A 101 10.11 11.17 20.00
C LEU A 101 8.89 11.26 19.06
N GLN A 102 8.37 10.15 18.53
CA GLN A 102 7.18 10.17 17.63
C GLN A 102 7.52 10.82 16.28
N ARG A 103 8.78 10.73 15.85
CA ARG A 103 9.25 11.16 14.50
C ARG A 103 9.35 9.91 13.61
N ILE A 104 8.99 10.05 12.34
CA ILE A 104 9.10 8.97 11.32
C ILE A 104 10.59 8.68 11.12
N ILE A 105 11.02 7.42 11.07
CA ILE A 105 12.40 6.95 10.82
C ILE A 105 12.68 7.00 9.30
N ARG A 106 13.76 7.70 8.89
CA ARG A 106 13.98 8.06 7.46
C ARG A 106 14.31 6.78 6.67
N HIS A 112 14.63 1.56 -4.59
CA HIS A 112 14.21 2.83 -3.93
C HIS A 112 14.23 3.96 -4.96
N TRP A 113 13.14 4.73 -5.00
CA TRP A 113 13.07 6.16 -5.39
C TRP A 113 12.83 7.03 -4.13
N LEU A 114 12.49 6.38 -3.04
CA LEU A 114 11.77 6.98 -1.90
C LEU A 114 12.21 6.27 -0.62
N ASN A 115 12.46 7.04 0.43
CA ASN A 115 12.72 6.46 1.78
C ASN A 115 11.39 5.80 2.15
N HIS A 116 11.42 4.61 2.73
CA HIS A 116 10.25 3.81 3.17
C HIS A 116 10.00 4.08 4.65
N GLY A 117 8.84 4.64 4.94
CA GLY A 117 8.47 5.03 6.31
C GLY A 117 7.50 4.04 6.90
N LYS A 118 7.18 2.96 6.19
CA LYS A 118 6.01 2.13 6.59
C LYS A 118 6.15 0.69 6.09
N GLU A 119 5.46 -0.21 6.74
CA GLU A 119 5.34 -1.62 6.34
C GLU A 119 3.85 -1.90 6.19
N HIS A 120 3.56 -2.87 5.35
CA HIS A 120 2.20 -3.15 4.86
C HIS A 120 1.81 -4.52 5.39
N CYS A 121 0.60 -4.61 5.90
CA CYS A 121 -0.08 -5.89 6.21
C CYS A 121 -1.39 -5.99 5.43
N LEU A 122 -1.49 -6.98 4.55
CA LEU A 122 -2.74 -7.21 3.80
C LEU A 122 -3.73 -7.93 4.73
N VAL A 123 -4.99 -7.59 4.61
CA VAL A 123 -6.08 -8.27 5.36
C VAL A 123 -6.99 -9.00 4.36
N GLY A 124 -7.03 -10.32 4.42
CA GLY A 124 -7.91 -11.23 3.69
C GLY A 124 -9.05 -11.74 4.55
N VAL A 125 -10.18 -11.96 3.85
CA VAL A 125 -11.41 -12.60 4.39
C VAL A 125 -11.63 -13.89 3.60
N LYS A 126 -12.07 -14.93 4.31
CA LYS A 126 -12.53 -16.21 3.75
C LYS A 126 -13.90 -16.53 4.35
N GLY A 127 -14.81 -17.01 3.50
CA GLY A 127 -16.14 -17.53 3.90
C GLY A 127 -16.94 -16.42 4.56
N ASN A 128 -17.73 -16.72 5.58
CA ASN A 128 -18.73 -15.79 6.17
C ASN A 128 -18.38 -15.51 7.63
N PRO A 129 -17.46 -14.61 7.94
CA PRO A 129 -17.04 -14.44 9.34
C PRO A 129 -18.20 -13.80 10.12
N GLN A 130 -18.56 -14.32 11.29
CA GLN A 130 -19.68 -13.73 12.07
C GLN A 130 -19.20 -13.39 13.49
N GLY A 131 -19.71 -12.30 14.07
CA GLY A 131 -19.46 -11.85 15.45
C GLY A 131 -18.07 -11.25 15.62
N PHE A 132 -17.42 -10.80 14.55
CA PHE A 132 -16.20 -9.96 14.61
C PHE A 132 -16.64 -8.52 14.86
N ASN A 133 -15.81 -7.74 15.52
CA ASN A 133 -16.07 -6.30 15.76
C ASN A 133 -15.34 -5.45 14.76
N GLN A 134 -15.90 -5.36 13.57
CA GLN A 134 -15.26 -4.64 12.42
C GLN A 134 -15.36 -3.14 12.71
N GLY A 135 -14.32 -2.37 12.39
CA GLY A 135 -14.37 -0.91 12.43
C GLY A 135 -14.11 -0.36 13.82
N LEU A 136 -13.57 -1.13 14.77
CA LEU A 136 -13.10 -0.60 16.07
C LEU A 136 -11.79 0.15 15.92
N ASP A 137 -10.88 -0.39 15.14
CA ASP A 137 -9.52 0.18 15.04
C ASP A 137 -9.44 0.83 13.66
N CYS A 138 -8.49 1.68 13.45
CA CYS A 138 -8.25 2.15 12.08
C CYS A 138 -7.03 1.44 11.49
N ASP A 139 -6.80 1.65 10.20
CA ASP A 139 -5.95 0.78 9.35
C ASP A 139 -4.53 1.32 9.44
N VAL A 140 -4.28 2.30 10.32
CA VAL A 140 -2.92 2.86 10.52
C VAL A 140 -2.42 2.55 11.93
N ILE A 141 -1.19 2.04 12.02
CA ILE A 141 -0.48 1.76 13.30
C ILE A 141 0.66 2.75 13.32
N VAL A 142 0.81 3.50 14.38
CA VAL A 142 2.03 4.31 14.61
C VAL A 142 2.74 3.73 15.85
N ALA A 143 4.00 3.29 15.75
CA ALA A 143 4.72 2.58 16.83
C ALA A 143 6.19 2.58 16.51
N GLU A 144 6.98 2.47 17.57
CA GLU A 144 8.47 2.46 17.50
C GLU A 144 8.94 1.13 16.93
N VAL A 145 9.99 1.17 16.11
CA VAL A 145 10.80 -0.02 15.70
C VAL A 145 11.67 -0.40 16.89
N ARG A 146 11.43 -1.52 17.57
CA ARG A 146 12.25 -1.94 18.76
C ARG A 146 13.33 -2.92 18.31
N SER A 147 13.10 -3.73 17.27
CA SER A 147 14.14 -4.55 16.58
C SER A 147 14.06 -4.31 15.06
N THR A 148 15.12 -4.66 14.33
CA THR A 148 15.03 -5.06 12.91
C THR A 148 14.13 -6.30 12.84
N SER A 149 13.24 -6.34 11.85
CA SER A 149 12.55 -7.55 11.34
C SER A 149 11.44 -8.00 12.31
N HIS A 150 11.14 -7.23 13.36
CA HIS A 150 9.94 -7.43 14.22
C HIS A 150 8.77 -6.55 13.75
N LYS A 151 7.57 -7.10 13.72
CA LYS A 151 6.31 -6.34 13.50
C LYS A 151 5.94 -5.73 14.85
N PRO A 152 5.05 -4.73 14.92
CA PRO A 152 4.78 -4.11 16.21
C PRO A 152 3.74 -4.89 16.99
N ASP A 153 3.81 -4.80 18.29
CA ASP A 153 3.00 -5.65 19.18
C ASP A 153 1.55 -5.20 19.14
N GLU A 154 1.29 -3.96 18.71
CA GLU A 154 -0.08 -3.37 18.61
C GLU A 154 -1.00 -4.18 17.69
N ILE A 155 -0.46 -4.86 16.67
CA ILE A 155 -1.27 -5.71 15.77
C ILE A 155 -2.02 -6.76 16.61
N TYR A 156 -1.43 -7.28 17.70
CA TYR A 156 -2.08 -8.37 18.51
C TYR A 156 -3.30 -7.77 19.21
N GLY A 157 -3.16 -6.53 19.65
CA GLY A 157 -4.27 -5.80 20.24
C GLY A 157 -5.38 -5.60 19.26
N MET A 158 -5.08 -5.12 18.05
CA MET A 158 -6.14 -4.85 17.03
C MET A 158 -6.88 -6.18 16.72
N ILE A 159 -6.14 -7.27 16.58
CA ILE A 159 -6.69 -8.62 16.25
C ILE A 159 -7.54 -9.12 17.42
N GLU A 160 -7.10 -8.89 18.65
CA GLU A 160 -7.86 -9.30 19.86
C GLU A 160 -9.19 -8.52 19.91
N ARG A 161 -9.19 -7.22 19.59
CA ARG A 161 -10.43 -6.44 19.73
C ARG A 161 -11.35 -6.86 18.61
N LEU A 162 -10.79 -7.21 17.45
CA LEU A 162 -11.59 -7.61 16.27
C LEU A 162 -12.29 -8.95 16.57
N SER A 163 -11.61 -9.88 17.23
CA SER A 163 -12.06 -11.29 17.45
C SER A 163 -11.69 -11.69 18.86
N PRO A 164 -12.36 -11.16 19.89
CA PRO A 164 -12.02 -11.49 21.29
C PRO A 164 -12.11 -12.99 21.63
N GLY A 165 -11.07 -13.55 22.26
CA GLY A 165 -11.04 -14.92 22.84
C GLY A 165 -11.15 -16.07 21.84
N THR A 166 -11.06 -15.82 20.55
CA THR A 166 -11.06 -16.88 19.52
C THR A 166 -9.64 -17.42 19.42
N ARG A 167 -9.44 -18.56 18.79
CA ARG A 167 -8.10 -19.18 18.63
C ARG A 167 -7.52 -18.69 17.31
N LYS A 168 -6.25 -18.42 17.35
CA LYS A 168 -5.50 -17.72 16.28
C LYS A 168 -4.19 -18.49 16.05
N ILE A 169 -3.63 -18.36 14.85
CA ILE A 169 -2.35 -19.03 14.54
C ILE A 169 -1.47 -18.01 13.80
N GLU A 170 -0.20 -17.95 14.17
CA GLU A 170 0.82 -17.12 13.55
C GLU A 170 1.78 -18.07 12.89
N LEU A 171 2.04 -17.88 11.62
CA LEU A 171 3.11 -18.55 10.84
C LEU A 171 4.32 -17.63 10.74
N PHE A 172 5.48 -18.23 10.91
CA PHE A 172 6.81 -17.60 10.89
C PHE A 172 6.91 -16.61 12.02
N GLY A 173 6.27 -16.90 13.14
CA GLY A 173 6.39 -16.08 14.35
C GLY A 173 7.72 -16.37 15.03
N ARG A 174 8.26 -15.39 15.75
CA ARG A 174 9.44 -15.60 16.59
C ARG A 174 9.03 -15.69 18.05
N PRO A 175 9.99 -16.08 18.90
CA PRO A 175 9.70 -16.27 20.32
C PRO A 175 8.94 -15.13 21.00
N HIS A 176 9.36 -13.86 20.83
CA HIS A 176 8.67 -12.70 21.47
CA HIS A 176 8.65 -12.70 21.49
C HIS A 176 7.19 -12.70 21.04
N ASN A 177 6.85 -13.29 19.87
CA ASN A 177 5.47 -13.25 19.29
C ASN A 177 4.54 -14.25 19.97
N VAL A 178 5.00 -15.11 20.89
CA VAL A 178 4.05 -16.06 21.52
C VAL A 178 3.16 -15.24 22.44
N GLN A 179 1.84 -15.50 22.37
CA GLN A 179 0.74 -14.69 22.97
C GLN A 179 -0.36 -15.64 23.44
N PRO A 180 -1.19 -15.23 24.42
CA PRO A 180 -2.32 -16.08 24.80
C PRO A 180 -3.33 -16.06 23.63
N ASN A 181 -4.10 -17.14 23.53
CA ASN A 181 -5.07 -17.45 22.44
C ASN A 181 -4.35 -17.76 21.12
N TRP A 182 -3.00 -17.67 21.05
CA TRP A 182 -2.25 -17.93 19.79
C TRP A 182 -1.43 -19.24 19.86
N ILE A 183 -1.33 -19.91 18.72
CA ILE A 183 -0.34 -20.98 18.49
C ILE A 183 0.69 -20.39 17.57
N THR A 184 1.98 -20.45 17.90
CA THR A 184 3.00 -19.82 17.03
C THR A 184 3.83 -20.90 16.31
N LEU A 185 3.94 -20.81 14.99
CA LEU A 185 4.81 -21.73 14.23
C LEU A 185 5.99 -20.95 13.65
N GLY A 186 7.13 -21.61 13.65
CA GLY A 186 8.31 -21.14 12.94
C GLY A 186 9.48 -22.01 13.34
N ASN A 187 10.62 -21.74 12.73
CA ASN A 187 11.80 -22.61 12.89
C ASN A 187 12.83 -21.96 13.81
N GLN A 188 12.51 -20.87 14.52
CA GLN A 188 13.43 -20.27 15.52
C GLN A 188 12.80 -20.41 16.91
N LEU A 189 11.73 -21.17 17.07
CA LEU A 189 11.06 -21.28 18.38
C LEU A 189 11.80 -22.38 19.14
N ASP A 190 11.56 -22.54 20.43
CA ASP A 190 12.36 -23.45 21.28
C ASP A 190 11.50 -24.66 21.58
N GLY A 191 11.67 -25.73 20.82
CA GLY A 191 10.86 -26.95 20.93
C GLY A 191 9.39 -26.74 20.64
N ILE A 192 8.55 -27.51 21.31
CA ILE A 192 7.08 -27.67 21.10
C ILE A 192 6.50 -27.43 22.47
N HIS A 193 5.53 -26.52 22.62
CA HIS A 193 4.80 -26.26 23.88
C HIS A 193 3.31 -26.17 23.52
N LEU A 194 2.55 -27.26 23.77
CA LEU A 194 1.14 -27.44 23.39
C LEU A 194 0.35 -27.88 24.61
N LEU A 195 -0.82 -27.25 24.80
CA LEU A 195 -1.69 -27.39 25.98
C LEU A 195 -3.14 -27.71 25.59
N ASP A 196 -3.59 -27.27 24.41
CA ASP A 196 -4.95 -27.59 23.91
C ASP A 196 -5.01 -29.09 23.71
N PRO A 197 -5.84 -29.81 24.48
CA PRO A 197 -5.75 -31.27 24.45
C PRO A 197 -6.20 -31.85 23.09
N ASP A 198 -7.13 -31.19 22.36
CA ASP A 198 -7.50 -31.54 20.96
C ASP A 198 -6.23 -31.61 20.12
N VAL A 199 -5.41 -30.54 20.17
CA VAL A 199 -4.14 -30.38 19.39
C VAL A 199 -3.14 -31.40 19.92
N VAL A 200 -2.99 -31.48 21.25
CA VAL A 200 -2.06 -32.46 21.89
C VAL A 200 -2.35 -33.87 21.37
N ALA A 201 -3.60 -34.34 21.44
CA ALA A 201 -3.98 -35.67 20.91
C ALA A 201 -3.66 -35.78 19.42
N ARG A 202 -4.02 -34.83 18.56
CA ARG A 202 -3.83 -35.03 17.08
C ARG A 202 -2.32 -34.94 16.81
N PHE A 203 -1.58 -34.19 17.63
CA PHE A 203 -0.11 -34.15 17.48
C PHE A 203 0.49 -35.54 17.79
N LYS A 204 0.09 -36.15 18.90
CA LYS A 204 0.74 -37.39 19.39
C LYS A 204 0.47 -38.47 18.34
N GLN A 205 -0.76 -38.50 17.83
CA GLN A 205 -1.26 -39.48 16.83
C GLN A 205 -0.51 -39.37 15.48
N ARG A 206 -0.39 -38.17 14.92
CA ARG A 206 0.32 -37.90 13.65
C ARG A 206 1.85 -38.03 13.81
N TYR A 207 2.39 -37.65 14.96
CA TYR A 207 3.84 -37.59 15.17
C TYR A 207 4.12 -38.39 16.44
N PRO A 208 4.03 -39.74 16.40
CA PRO A 208 4.15 -40.55 17.61
C PRO A 208 5.55 -40.37 18.22
N ASP A 209 6.57 -40.16 17.39
CA ASP A 209 7.96 -39.92 17.85
C ASP A 209 8.31 -38.42 17.89
N GLY A 210 7.34 -37.50 17.84
CA GLY A 210 7.62 -36.05 17.97
C GLY A 210 8.54 -35.49 16.89
N ILE A 211 8.80 -36.20 15.77
CA ILE A 211 9.85 -35.85 14.75
C ILE A 211 9.16 -35.20 13.56
N ILE A 212 9.16 -33.87 13.50
CA ILE A 212 8.61 -33.09 12.37
C ILE A 212 9.72 -32.85 11.32
N ASP B 14 0.43 2.72 23.16
CA ASP B 14 -0.43 2.06 22.11
C ASP B 14 -1.53 3.04 21.61
N TYR B 15 -1.37 3.58 20.38
CA TYR B 15 -2.27 4.61 19.78
C TYR B 15 -3.54 4.01 19.14
N CYS B 16 -3.48 2.72 18.76
CA CYS B 16 -4.64 1.85 18.38
C CYS B 16 -5.64 1.79 19.55
N GLN B 17 -5.14 1.35 20.71
CA GLN B 17 -5.81 1.32 22.04
C GLN B 17 -6.41 2.73 22.25
N HIS B 18 -5.55 3.74 22.22
CA HIS B 18 -5.88 5.19 22.36
C HIS B 18 -7.07 5.56 21.46
N PHE B 19 -7.01 5.19 20.17
CA PHE B 19 -8.01 5.57 19.13
C PHE B 19 -9.37 4.96 19.48
N VAL B 20 -9.35 3.69 19.91
CA VAL B 20 -10.53 2.91 20.38
C VAL B 20 -11.24 3.67 21.55
N ASP B 21 -10.50 4.36 22.42
CA ASP B 21 -11.04 5.12 23.58
C ASP B 21 -11.50 6.56 23.22
N THR B 22 -10.86 7.24 22.26
CA THR B 22 -10.88 8.73 22.12
C THR B 22 -11.27 9.22 20.73
N GLY B 23 -11.10 8.41 19.67
CA GLY B 23 -11.34 8.79 18.26
C GLY B 23 -10.21 9.62 17.66
N HIS B 24 -9.11 9.79 18.40
CA HIS B 24 -7.87 10.39 17.87
C HIS B 24 -7.08 9.28 17.17
N ARG B 25 -7.00 9.41 15.85
CA ARG B 25 -6.23 8.47 14.99
C ARG B 25 -4.77 8.46 15.44
N PRO B 26 -4.12 7.28 15.47
CA PRO B 26 -2.70 7.20 15.81
C PRO B 26 -1.85 8.27 15.09
N GLN B 27 -2.18 8.54 13.83
CA GLN B 27 -1.39 9.46 12.96
C GLN B 27 -1.50 10.91 13.46
N ASN B 28 -2.54 11.25 14.23
CA ASN B 28 -2.63 12.57 14.91
C ASN B 28 -1.38 12.86 15.75
N PHE B 29 -0.68 11.84 16.24
CA PHE B 29 0.40 11.95 17.26
C PHE B 29 1.77 12.05 16.60
N ILE B 30 1.86 11.86 15.29
CA ILE B 30 3.17 11.93 14.58
C ILE B 30 3.65 13.40 14.64
N ARG B 31 4.79 13.65 15.23
CA ARG B 31 5.22 15.05 15.38
C ARG B 31 5.98 15.42 14.11
N ASP B 32 6.01 16.72 13.79
CA ASP B 32 7.00 17.34 12.86
C ASP B 32 6.76 16.82 11.44
N VAL B 33 5.50 16.68 11.03
CA VAL B 33 5.07 15.99 9.79
C VAL B 33 5.72 16.67 8.56
N LEU B 48 19.03 22.05 2.76
CA LEU B 48 18.91 23.07 1.68
C LEU B 48 18.67 22.35 0.32
N ILE B 49 17.41 21.95 0.07
CA ILE B 49 16.89 21.38 -1.22
C ILE B 49 16.09 22.45 -1.97
N ARG B 50 16.14 23.70 -1.52
CA ARG B 50 15.48 24.83 -2.21
C ARG B 50 16.22 25.04 -3.54
N LEU B 51 17.47 24.57 -3.60
CA LEU B 51 18.38 24.64 -4.79
C LEU B 51 17.73 23.87 -5.96
N LYS B 52 17.26 22.64 -5.69
CA LYS B 52 16.51 21.76 -6.62
C LYS B 52 15.19 22.45 -7.01
N ASP B 53 14.39 22.84 -6.00
CA ASP B 53 13.07 23.52 -6.14
C ASP B 53 13.20 24.71 -7.10
N GLU B 54 14.34 25.41 -7.05
CA GLU B 54 14.63 26.59 -7.91
C GLU B 54 14.89 26.14 -9.36
N LEU B 55 15.70 25.09 -9.53
CA LEU B 55 15.97 24.51 -10.87
C LEU B 55 14.65 24.00 -11.45
N ILE B 56 13.87 23.26 -10.65
CA ILE B 56 12.55 22.76 -11.12
C ILE B 56 11.76 23.97 -11.58
N ALA B 57 11.62 24.99 -10.75
CA ALA B 57 10.92 26.26 -11.11
C ALA B 57 11.45 26.85 -12.45
N LYS B 58 12.77 26.97 -12.64
CA LYS B 58 13.35 27.60 -13.87
C LYS B 58 13.08 26.68 -15.07
N SER B 59 13.10 25.36 -14.86
CA SER B 59 13.00 24.37 -15.93
C SER B 59 11.55 24.28 -16.43
N ASN B 60 10.58 24.60 -15.59
CA ASN B 60 9.15 24.26 -15.85
C ASN B 60 8.64 24.96 -17.09
N THR B 61 7.92 24.25 -17.96
CA THR B 61 7.11 24.77 -19.09
C THR B 61 5.99 25.61 -18.54
N PRO B 62 5.45 26.55 -19.32
CA PRO B 62 4.20 27.22 -18.96
C PRO B 62 3.07 26.23 -18.69
N PRO B 63 2.11 26.54 -17.80
CA PRO B 63 1.05 25.58 -17.55
C PRO B 63 0.24 25.41 -18.84
N MET B 64 -0.12 24.17 -19.19
CA MET B 64 -1.07 23.95 -20.31
C MET B 64 -2.20 23.06 -19.82
N TYR B 65 -3.35 23.20 -20.43
CA TYR B 65 -4.59 22.64 -19.87
C TYR B 65 -5.60 22.52 -21.01
N LEU B 66 -6.40 21.45 -20.97
CA LEU B 66 -7.41 21.10 -22.01
C LEU B 66 -8.65 20.54 -21.33
N GLN B 67 -9.83 21.15 -21.50
CA GLN B 67 -11.12 20.50 -21.18
C GLN B 67 -11.26 19.34 -22.18
N ALA B 68 -11.54 18.13 -21.73
CA ALA B 68 -11.75 16.94 -22.59
C ALA B 68 -12.51 15.92 -21.75
N ASP B 69 -13.60 15.40 -22.33
CA ASP B 69 -14.37 14.27 -21.75
C ASP B 69 -13.59 13.04 -22.15
N ILE B 70 -12.83 12.48 -21.19
CA ILE B 70 -11.74 11.47 -21.37
C ILE B 70 -12.39 10.17 -21.84
N GLU B 71 -13.61 9.86 -21.39
CA GLU B 71 -14.41 8.72 -21.93
C GLU B 71 -14.51 8.83 -23.46
N ALA B 72 -14.87 10.01 -23.97
CA ALA B 72 -15.37 10.19 -25.35
C ALA B 72 -14.29 10.85 -26.19
N PHE B 73 -13.01 10.62 -25.90
CA PHE B 73 -11.92 11.45 -26.43
C PHE B 73 -10.74 10.54 -26.70
N ASP B 74 -10.14 10.65 -27.87
CA ASP B 74 -9.03 9.76 -28.29
C ASP B 74 -7.76 10.36 -27.68
N ILE B 75 -7.21 9.73 -26.63
CA ILE B 75 -6.05 10.28 -25.88
C ILE B 75 -4.84 10.28 -26.78
N ARG B 76 -4.87 9.55 -27.91
CA ARG B 76 -3.72 9.59 -28.84
C ARG B 76 -3.49 11.03 -29.33
N GLU B 77 -4.46 11.95 -29.23
CA GLU B 77 -4.28 13.37 -29.61
C GLU B 77 -3.34 14.08 -28.63
N LEU B 78 -2.99 13.43 -27.50
CA LEU B 78 -2.13 14.07 -26.48
C LEU B 78 -0.69 13.70 -26.82
N THR B 79 0.02 14.67 -27.38
CA THR B 79 1.41 14.51 -27.89
C THR B 79 2.25 15.68 -27.35
N PRO B 80 3.58 15.48 -27.16
CA PRO B 80 4.24 14.20 -27.43
C PRO B 80 3.99 13.18 -26.29
N LYS B 81 4.66 12.04 -26.34
CA LYS B 81 4.64 10.96 -25.32
C LYS B 81 5.18 11.51 -24.01
N PHE B 82 4.54 11.19 -22.88
CA PHE B 82 4.79 11.76 -21.55
C PHE B 82 5.92 11.03 -20.84
N ASP B 83 6.72 11.79 -20.09
CA ASP B 83 7.70 11.19 -19.14
C ASP B 83 7.00 10.76 -17.87
N VAL B 84 5.98 11.54 -17.46
CA VAL B 84 5.31 11.37 -16.15
C VAL B 84 3.82 11.51 -16.40
N ILE B 85 3.05 10.52 -15.95
CA ILE B 85 1.57 10.63 -15.93
C ILE B 85 1.06 10.48 -14.49
N LEU B 86 0.27 11.45 -14.06
CA LEU B 86 -0.45 11.51 -12.78
C LEU B 86 -1.90 11.32 -13.15
N LEU B 87 -2.44 10.24 -12.63
CA LEU B 87 -3.78 9.78 -13.06
C LEU B 87 -4.65 9.75 -11.81
N GLU B 88 -5.68 10.58 -11.84
CA GLU B 88 -6.51 10.87 -10.66
C GLU B 88 -7.98 10.65 -10.99
N PRO B 89 -8.38 9.45 -11.42
CA PRO B 89 -9.79 9.22 -11.82
C PRO B 89 -10.74 9.38 -10.62
N PRO B 90 -11.90 10.04 -10.81
CA PRO B 90 -12.86 10.26 -9.72
C PRO B 90 -13.69 9.01 -9.34
N LEU B 91 -13.21 8.30 -8.35
CA LEU B 91 -13.85 7.09 -7.80
C LEU B 91 -15.11 7.46 -7.04
N GLU B 92 -16.16 6.65 -7.15
CA GLU B 92 -17.41 6.84 -6.36
C GLU B 92 -17.05 6.85 -4.87
N GLU B 93 -16.03 6.09 -4.47
CA GLU B 93 -15.67 6.06 -3.05
C GLU B 93 -15.27 7.45 -2.56
N TYR B 94 -14.77 8.36 -3.39
CA TYR B 94 -14.35 9.71 -2.89
C TYR B 94 -15.58 10.47 -2.34
N TYR B 95 -16.74 10.29 -2.97
CA TYR B 95 -18.09 10.82 -2.58
C TYR B 95 -18.75 9.82 -1.62
N ARG B 96 -18.42 9.94 -0.33
CA ARG B 96 -18.95 9.06 0.75
C ARG B 96 -20.47 8.93 0.60
N LYS B 105 -19.75 12.70 -13.13
CA LYS B 105 -19.63 11.29 -13.59
C LYS B 105 -18.44 10.63 -12.86
N CYS B 106 -18.69 9.74 -11.92
CA CYS B 106 -17.67 8.84 -11.32
C CYS B 106 -17.17 7.84 -12.34
N TRP B 107 -15.89 7.49 -12.23
CA TRP B 107 -15.22 6.41 -13.00
C TRP B 107 -15.11 5.14 -12.13
N THR B 108 -15.53 3.98 -12.66
CA THR B 108 -15.25 2.66 -12.04
C THR B 108 -13.89 2.21 -12.56
N TRP B 109 -13.39 1.15 -11.94
CA TRP B 109 -12.14 0.48 -12.32
C TRP B 109 -12.31 -0.11 -13.71
N ASP B 110 -13.55 -0.45 -14.06
CA ASP B 110 -13.90 -0.97 -15.41
C ASP B 110 -13.52 0.12 -16.42
N ASP B 111 -13.98 1.35 -16.19
CA ASP B 111 -13.70 2.51 -17.09
C ASP B 111 -12.19 2.80 -17.09
N ILE B 112 -11.55 2.75 -15.92
CA ILE B 112 -10.13 3.18 -15.83
C ILE B 112 -9.25 2.18 -16.59
N MET B 113 -9.53 0.91 -16.38
CA MET B 113 -8.74 -0.19 -16.95
C MET B 113 -8.84 -0.18 -18.48
N LYS B 114 -9.79 0.51 -19.09
CA LYS B 114 -9.96 0.58 -20.57
C LYS B 114 -9.25 1.77 -21.14
N LEU B 115 -8.66 2.64 -20.35
CA LEU B 115 -7.93 3.80 -20.87
C LEU B 115 -6.67 3.27 -21.55
N GLU B 116 -6.24 3.89 -22.65
CA GLU B 116 -5.13 3.36 -23.47
C GLU B 116 -3.85 4.10 -23.05
N ILE B 117 -3.54 4.04 -21.76
CA ILE B 117 -2.46 4.85 -21.17
C ILE B 117 -1.13 4.50 -21.85
N ASP B 118 -0.93 3.24 -22.20
CA ASP B 118 0.32 2.75 -22.83
C ASP B 118 0.49 3.46 -24.19
N GLU B 119 -0.51 4.07 -24.77
CA GLU B 119 -0.33 4.73 -26.09
C GLU B 119 0.24 6.14 -25.94
N ILE B 120 0.23 6.74 -24.76
CA ILE B 120 0.75 8.14 -24.67
C ILE B 120 1.96 8.19 -23.74
N ALA B 121 2.38 7.08 -23.16
CA ALA B 121 3.52 6.98 -22.22
C ALA B 121 4.82 6.81 -23.01
N ALA B 122 5.84 7.62 -22.74
CA ALA B 122 7.18 7.41 -23.34
C ALA B 122 7.67 6.02 -22.93
N PRO B 123 8.58 5.42 -23.74
CA PRO B 123 9.05 4.06 -23.49
C PRO B 123 9.73 3.90 -22.13
N ARG B 124 10.47 4.95 -21.72
CA ARG B 124 10.96 5.11 -20.36
C ARG B 124 10.04 6.17 -19.79
N SER B 125 9.21 5.84 -18.77
CA SER B 125 8.28 6.81 -18.14
C SER B 125 7.74 6.24 -16.83
N PHE B 126 6.97 7.08 -16.16
CA PHE B 126 6.48 6.92 -14.78
C PHE B 126 4.97 7.14 -14.79
N ILE B 127 4.27 6.46 -13.88
CA ILE B 127 2.85 6.73 -13.66
C ILE B 127 2.66 6.82 -12.14
N PHE B 128 1.83 7.77 -11.68
CA PHE B 128 1.36 7.92 -10.30
C PHE B 128 -0.17 7.81 -10.39
N LEU B 129 -0.72 6.73 -9.86
CA LEU B 129 -2.15 6.44 -9.96
C LEU B 129 -2.74 6.46 -8.56
N TRP B 130 -3.75 7.31 -8.36
CA TRP B 130 -4.50 7.45 -7.09
C TRP B 130 -5.55 6.35 -7.09
N CYS B 131 -5.49 5.42 -6.15
CA CYS B 131 -6.18 4.11 -6.16
C CYS B 131 -7.21 4.00 -5.02
N GLY B 132 -7.28 5.00 -4.16
CA GLY B 132 -8.22 5.11 -3.04
C GLY B 132 -7.80 4.23 -1.89
N SER B 133 -8.74 3.53 -1.30
CA SER B 133 -8.46 2.71 -0.10
C SER B 133 -9.11 1.31 -0.21
N GLY B 134 -9.72 1.00 -1.34
CA GLY B 134 -10.50 -0.25 -1.43
C GLY B 134 -9.95 -1.18 -2.49
N GLU B 135 -10.84 -1.62 -3.34
CA GLU B 135 -10.56 -2.57 -4.44
C GLU B 135 -9.54 -1.92 -5.39
N GLY B 136 -9.43 -0.59 -5.39
CA GLY B 136 -8.42 0.14 -6.16
C GLY B 136 -7.01 -0.32 -5.86
N LEU B 137 -6.76 -0.81 -4.65
CA LEU B 137 -5.40 -1.24 -4.26
C LEU B 137 -5.08 -2.49 -5.08
N ASP B 138 -6.07 -3.25 -5.50
CA ASP B 138 -5.84 -4.44 -6.36
C ASP B 138 -6.00 -4.02 -7.83
N LEU B 139 -7.12 -3.38 -8.17
CA LEU B 139 -7.44 -3.14 -9.60
C LEU B 139 -6.43 -2.15 -10.16
N GLY B 140 -5.88 -1.21 -9.36
CA GLY B 140 -4.86 -0.28 -9.84
C GLY B 140 -3.56 -0.98 -10.21
N ARG B 141 -3.19 -2.02 -9.48
CA ARG B 141 -2.01 -2.88 -9.83
C ARG B 141 -2.25 -3.58 -11.17
N VAL B 142 -3.46 -4.13 -11.39
CA VAL B 142 -3.83 -4.76 -12.69
C VAL B 142 -3.66 -3.73 -13.81
N CYS B 143 -4.14 -2.52 -13.59
CA CYS B 143 -4.06 -1.39 -14.55
C CYS B 143 -2.60 -1.09 -14.87
N LEU B 144 -1.78 -0.93 -13.83
CA LEU B 144 -0.32 -0.69 -13.99
C LEU B 144 0.25 -1.79 -14.90
N ARG B 145 -0.04 -3.07 -14.64
CA ARG B 145 0.55 -4.17 -15.42
C ARG B 145 -0.07 -4.18 -16.82
N LYS B 146 -1.33 -3.79 -16.97
CA LYS B 146 -1.98 -3.84 -18.29
C LYS B 146 -1.32 -2.81 -19.25
N TRP B 147 -1.00 -1.65 -18.71
CA TRP B 147 -0.39 -0.52 -19.43
C TRP B 147 1.12 -0.73 -19.58
N GLY B 148 1.69 -1.78 -18.98
CA GLY B 148 3.12 -2.12 -19.14
C GLY B 148 3.99 -1.48 -18.09
N TYR B 149 3.52 -1.22 -16.87
CA TYR B 149 4.44 -0.68 -15.83
C TYR B 149 4.69 -1.74 -14.76
N ARG B 150 5.77 -1.64 -13.98
CA ARG B 150 5.92 -2.39 -12.70
C ARG B 150 5.87 -1.40 -11.53
N ARG B 151 5.16 -1.73 -10.45
CA ARG B 151 5.00 -0.83 -9.29
C ARG B 151 6.34 -0.74 -8.61
N CYS B 152 6.93 0.44 -8.38
CA CYS B 152 8.21 0.42 -7.62
C CYS B 152 8.03 1.19 -6.33
N GLU B 153 6.97 1.98 -6.15
CA GLU B 153 6.64 2.59 -4.84
C GLU B 153 5.12 2.61 -4.63
N ASP B 154 4.76 2.66 -3.37
CA ASP B 154 3.39 2.74 -2.85
C ASP B 154 3.37 3.91 -1.87
N ILE B 155 2.84 5.06 -2.28
CA ILE B 155 2.79 6.32 -1.47
C ILE B 155 1.47 6.35 -0.73
N CYS B 156 1.52 6.48 0.58
CA CYS B 156 0.31 6.49 1.40
CA CYS B 156 0.29 6.49 1.39
C CYS B 156 0.02 7.90 1.92
N TRP B 157 -1.15 8.40 1.59
CA TRP B 157 -1.74 9.64 2.10
C TRP B 157 -2.53 9.28 3.36
N ILE B 158 -1.95 9.64 4.49
CA ILE B 158 -2.46 9.30 5.84
C ILE B 158 -3.19 10.52 6.36
N LYS B 159 -4.47 10.37 6.60
CA LYS B 159 -5.35 11.49 6.96
C LYS B 159 -5.56 11.51 8.47
N THR B 160 -5.14 12.62 9.09
CA THR B 160 -5.34 12.98 10.53
C THR B 160 -6.76 13.54 10.72
N ASN B 161 -7.33 13.37 11.90
CA ASN B 161 -8.62 14.00 12.27
C ASN B 161 -8.46 14.83 13.55
N LYS B 162 -7.46 15.69 13.63
CA LYS B 162 -7.18 16.52 14.83
C LYS B 162 -8.32 17.53 15.08
N ASN B 163 -9.01 17.95 14.04
CA ASN B 163 -10.10 18.95 14.11
C ASN B 163 -11.45 18.22 14.23
N ASN B 164 -11.46 16.90 14.39
CA ASN B 164 -12.71 16.10 14.37
C ASN B 164 -12.56 14.69 14.93
N PRO B 165 -12.11 14.52 16.19
CA PRO B 165 -12.03 13.19 16.83
C PRO B 165 -13.26 12.29 16.96
N THR B 170 -18.30 5.91 8.81
CA THR B 170 -18.36 5.68 7.34
C THR B 170 -17.67 4.32 7.06
N LEU B 171 -18.26 3.40 6.29
CA LEU B 171 -17.73 2.00 6.15
C LEU B 171 -18.28 1.27 4.91
N ASP B 172 -17.48 1.10 3.82
CA ASP B 172 -17.69 0.00 2.82
C ASP B 172 -18.06 -1.25 3.60
N PRO B 173 -19.06 -2.06 3.12
CA PRO B 173 -19.52 -3.21 3.88
C PRO B 173 -18.42 -4.28 4.09
N LYS B 174 -17.44 -4.41 3.19
CA LYS B 174 -16.35 -5.41 3.28
C LYS B 174 -15.25 -5.00 4.27
N ALA B 175 -15.22 -3.73 4.70
CA ALA B 175 -14.14 -3.19 5.55
C ALA B 175 -14.08 -3.89 6.91
N VAL B 176 -12.88 -4.17 7.39
CA VAL B 176 -12.58 -4.75 8.74
C VAL B 176 -12.21 -3.59 9.70
N PHE B 177 -11.54 -2.58 9.18
CA PHE B 177 -11.03 -1.43 9.95
C PHE B 177 -11.57 -0.14 9.36
N GLN B 178 -11.46 0.91 10.15
CA GLN B 178 -11.79 2.24 9.65
C GLN B 178 -10.67 2.68 8.71
N ARG B 179 -11.04 3.19 7.54
CA ARG B 179 -10.09 3.56 6.48
C ARG B 179 -9.73 5.03 6.63
N THR B 180 -8.45 5.29 6.86
CA THR B 180 -7.97 6.63 7.21
C THR B 180 -6.83 7.01 6.26
N LYS B 181 -6.73 6.37 5.10
CA LYS B 181 -5.55 6.63 4.22
C LYS B 181 -5.92 6.34 2.76
N GLU B 182 -5.18 6.87 1.80
CA GLU B 182 -5.36 6.54 0.36
C GLU B 182 -3.99 6.18 -0.18
N HIS B 183 -3.92 5.39 -1.24
CA HIS B 183 -2.63 4.99 -1.85
C HIS B 183 -2.50 5.62 -3.24
N CYS B 184 -1.31 6.11 -3.52
CA CYS B 184 -0.89 6.51 -4.89
C CYS B 184 0.22 5.58 -5.32
N LEU B 185 -0.04 4.73 -6.30
CA LEU B 185 0.96 3.74 -6.80
C LEU B 185 1.84 4.43 -7.81
N MET B 186 3.14 4.26 -7.64
CA MET B 186 4.17 4.70 -8.62
C MET B 186 4.54 3.51 -9.51
N GLY B 187 4.44 3.67 -10.81
CA GLY B 187 4.78 2.63 -11.79
C GLY B 187 5.90 3.12 -12.66
N ILE B 188 6.76 2.21 -13.12
CA ILE B 188 7.80 2.58 -14.11
C ILE B 188 7.80 1.56 -15.26
N LYS B 189 8.11 2.02 -16.48
CA LYS B 189 8.46 1.15 -17.62
C LYS B 189 9.80 1.60 -18.21
N GLY B 190 10.56 0.63 -18.74
CA GLY B 190 11.90 0.83 -19.33
C GLY B 190 13.00 0.34 -18.41
N THR B 191 14.07 1.14 -18.26
CA THR B 191 15.25 0.86 -17.39
C THR B 191 14.80 0.41 -16.00
N ASN B 204 16.79 10.75 -3.49
CA ASN B 204 15.81 10.22 -2.50
C ASN B 204 15.75 11.17 -1.30
N VAL B 205 15.37 12.44 -1.49
CA VAL B 205 15.10 13.40 -0.37
C VAL B 205 13.78 13.00 0.35
N ASP B 206 12.85 12.32 -0.33
CA ASP B 206 11.43 12.27 0.09
C ASP B 206 11.09 10.86 0.65
N ILE B 207 9.98 10.81 1.37
CA ILE B 207 9.45 9.58 2.02
C ILE B 207 8.15 9.18 1.28
N ASP B 208 7.74 7.91 1.41
CA ASP B 208 6.53 7.29 0.78
C ASP B 208 5.28 7.54 1.64
N LEU B 209 5.27 8.63 2.39
CA LEU B 209 4.11 9.07 3.24
C LEU B 209 3.81 10.52 2.98
N ILE B 210 2.55 10.89 2.91
CA ILE B 210 2.07 12.28 2.96
C ILE B 210 1.09 12.33 4.12
N ILE B 211 1.27 13.23 5.05
CA ILE B 211 0.36 13.32 6.23
C ILE B 211 -0.30 14.68 6.21
N THR B 212 -1.63 14.72 6.14
CA THR B 212 -2.41 15.97 6.18
C THR B 212 -3.73 15.67 6.87
N GLU B 213 -4.46 16.71 7.24
CA GLU B 213 -5.78 16.58 7.89
C GLU B 213 -6.76 16.08 6.83
N GLU B 214 -7.69 15.26 7.25
CA GLU B 214 -8.76 14.83 6.35
C GLU B 214 -9.42 16.10 5.82
N PRO B 215 -9.67 16.20 4.50
CA PRO B 215 -10.37 17.34 3.92
C PRO B 215 -11.84 17.33 4.36
N GLU B 216 -12.53 18.47 4.39
CA GLU B 216 -14.00 18.57 4.61
C GLU B 216 -14.75 17.58 3.71
N ILE B 217 -15.95 17.18 4.08
CA ILE B 217 -16.75 16.16 3.32
C ILE B 217 -16.99 16.63 1.87
N GLY B 218 -17.03 15.66 0.94
CA GLY B 218 -17.14 15.86 -0.54
C GLY B 218 -16.17 16.91 -1.10
N ASN B 219 -15.07 17.24 -0.42
CA ASN B 219 -13.85 17.84 -1.03
C ASN B 219 -12.95 16.67 -1.48
N ILE B 220 -12.62 16.63 -2.75
CA ILE B 220 -12.11 15.42 -3.47
C ILE B 220 -10.59 15.54 -3.73
N GLU B 221 -9.99 16.66 -3.33
CA GLU B 221 -8.61 17.05 -3.75
C GLU B 221 -7.60 16.12 -3.08
N LYS B 222 -6.52 15.85 -3.81
CA LYS B 222 -5.38 15.07 -3.25
C LYS B 222 -4.35 16.07 -2.81
N PRO B 223 -3.50 15.73 -1.83
CA PRO B 223 -2.53 16.69 -1.34
C PRO B 223 -1.57 17.07 -2.46
N VAL B 224 -1.36 18.37 -2.59
CA VAL B 224 -0.41 19.00 -3.55
C VAL B 224 1.00 18.46 -3.35
N GLU B 225 1.31 17.94 -2.16
CA GLU B 225 2.64 17.32 -1.82
C GLU B 225 2.99 16.28 -2.89
N ILE B 226 2.00 15.57 -3.45
CA ILE B 226 2.25 14.54 -4.49
C ILE B 226 3.04 15.20 -5.63
N PHE B 227 2.74 16.46 -5.99
CA PHE B 227 3.47 17.11 -7.09
C PHE B 227 4.91 17.32 -6.69
N HIS B 228 5.15 17.65 -5.43
CA HIS B 228 6.50 17.91 -4.87
C HIS B 228 7.27 16.59 -4.98
N ILE B 229 6.70 15.53 -4.46
CA ILE B 229 7.36 14.20 -4.57
C ILE B 229 7.70 13.94 -6.05
N ILE B 230 6.77 14.10 -6.98
CA ILE B 230 7.01 13.74 -8.41
C ILE B 230 8.09 14.67 -9.01
N GLU B 231 7.99 15.97 -8.80
CA GLU B 231 9.02 16.94 -9.33
C GLU B 231 10.42 16.65 -8.76
N HIS B 232 10.52 16.33 -7.48
CA HIS B 232 11.83 16.03 -6.83
C HIS B 232 12.50 14.85 -7.52
N PHE B 233 11.77 13.97 -8.20
CA PHE B 233 12.41 12.82 -8.89
C PHE B 233 13.13 13.27 -10.17
N CYS B 234 12.90 14.46 -10.73
CA CYS B 234 13.64 14.92 -11.96
C CYS B 234 13.58 13.88 -13.10
N LEU B 235 12.37 13.52 -13.53
CA LEU B 235 12.10 12.37 -14.43
C LEU B 235 12.01 12.84 -15.86
N GLY B 236 11.97 14.13 -16.13
CA GLY B 236 11.55 14.59 -17.48
C GLY B 236 10.40 15.58 -17.42
N ARG B 237 10.31 16.41 -18.45
CA ARG B 237 9.54 17.66 -18.40
C ARG B 237 8.20 17.43 -19.08
N ARG B 238 7.95 16.27 -19.68
CA ARG B 238 6.61 16.04 -20.28
C ARG B 238 5.74 15.41 -19.19
N ARG B 239 4.94 16.22 -18.49
CA ARG B 239 4.16 15.77 -17.35
C ARG B 239 2.69 15.98 -17.65
N LEU B 240 1.91 14.88 -17.61
CA LEU B 240 0.46 14.87 -17.88
C LEU B 240 -0.31 14.62 -16.60
N HIS B 241 -1.30 15.44 -16.29
CA HIS B 241 -2.25 15.13 -15.19
C HIS B 241 -3.63 14.87 -15.77
N LEU B 242 -4.11 13.63 -15.71
CA LEU B 242 -5.43 13.27 -16.23
C LEU B 242 -6.44 13.33 -15.10
N PHE B 243 -7.59 13.93 -15.38
CA PHE B 243 -8.63 14.25 -14.40
C PHE B 243 -8.16 15.32 -13.42
N GLY B 244 -7.26 16.21 -13.82
CA GLY B 244 -6.94 17.46 -13.10
C GLY B 244 -8.12 18.42 -13.23
N ARG B 245 -8.06 19.53 -12.49
CA ARG B 245 -9.16 20.52 -12.43
C ARG B 245 -8.54 21.92 -12.59
N ASP B 246 -9.35 22.97 -12.73
CA ASP B 246 -8.88 24.38 -12.63
C ASP B 246 -7.92 24.49 -11.43
N SER B 247 -8.31 23.91 -10.30
CA SER B 247 -7.58 24.09 -9.02
C SER B 247 -6.26 23.30 -9.01
N THR B 248 -5.91 22.45 -9.97
CA THR B 248 -4.67 21.61 -9.87
C THR B 248 -3.66 22.08 -10.91
N ILE B 249 -4.06 23.03 -11.76
CA ILE B 249 -3.20 23.54 -12.85
C ILE B 249 -1.90 24.11 -12.29
N ARG B 250 -0.81 23.79 -12.93
CA ARG B 250 0.49 24.00 -12.27
C ARG B 250 1.55 24.18 -13.34
N PRO B 251 2.58 25.04 -13.14
CA PRO B 251 3.65 25.16 -14.12
C PRO B 251 4.33 23.80 -14.22
N GLY B 252 4.79 23.48 -15.42
CA GLY B 252 5.47 22.20 -15.63
C GLY B 252 4.53 21.05 -15.95
N TRP B 253 3.22 21.29 -15.96
CA TRP B 253 2.22 20.25 -16.25
C TRP B 253 1.27 20.62 -17.37
N LEU B 254 0.85 19.60 -18.11
CA LEU B 254 -0.37 19.54 -18.96
C LEU B 254 -1.45 18.87 -18.15
N THR B 255 -2.57 19.59 -17.94
CA THR B 255 -3.70 19.13 -17.17
C THR B 255 -4.82 18.88 -18.16
N VAL B 256 -5.34 17.66 -18.17
CA VAL B 256 -6.50 17.31 -19.01
C VAL B 256 -7.63 16.72 -18.16
N GLY B 257 -8.83 17.29 -18.24
CA GLY B 257 -9.97 16.80 -17.47
C GLY B 257 -11.30 17.37 -17.96
N PRO B 258 -12.37 16.65 -17.60
CA PRO B 258 -13.72 17.05 -17.99
C PRO B 258 -14.22 18.38 -17.42
N THR B 259 -13.78 18.83 -16.25
CA THR B 259 -14.40 19.99 -15.56
C THR B 259 -13.62 21.30 -15.78
N LEU B 260 -12.47 21.26 -16.43
CA LEU B 260 -11.71 22.48 -16.77
C LEU B 260 -12.65 23.44 -17.47
N THR B 261 -12.60 24.72 -17.11
CA THR B 261 -13.50 25.72 -17.69
C THR B 261 -12.80 26.33 -18.90
N ASN B 262 -11.49 26.30 -18.95
CA ASN B 262 -10.78 26.88 -20.12
C ASN B 262 -9.74 25.91 -20.61
N SER B 263 -9.28 26.15 -21.86
CA SER B 263 -8.20 25.39 -22.55
C SER B 263 -7.18 26.36 -23.15
N ASN B 264 -5.92 25.96 -23.20
CA ASN B 264 -4.88 26.73 -23.95
C ASN B 264 -4.03 25.70 -24.67
N TYR B 265 -4.41 24.42 -24.69
CA TYR B 265 -3.53 23.34 -25.23
C TYR B 265 -3.44 23.44 -26.75
N ASN B 266 -2.22 23.33 -27.25
CA ASN B 266 -1.92 23.24 -28.71
C ASN B 266 -0.75 22.27 -28.85
N ALA B 267 -1.00 21.16 -29.52
CA ALA B 267 -0.05 20.04 -29.69
C ALA B 267 1.29 20.56 -30.20
N GLU B 268 1.26 21.44 -31.19
CA GLU B 268 2.46 22.01 -31.82
C GLU B 268 3.18 22.91 -30.81
N THR B 269 2.52 23.88 -30.20
CA THR B 269 3.15 24.74 -29.17
C THR B 269 3.72 23.86 -28.03
N TYR B 270 2.96 22.85 -27.61
CA TYR B 270 3.40 21.99 -26.48
C TYR B 270 4.65 21.21 -26.91
N ALA B 271 4.61 20.57 -28.07
CA ALA B 271 5.81 19.90 -28.67
C ALA B 271 6.99 20.88 -28.69
N SER B 272 6.77 22.11 -29.11
CA SER B 272 7.85 23.12 -29.22
C SER B 272 8.64 23.26 -27.90
N TYR B 273 8.06 23.05 -26.72
CA TYR B 273 8.82 23.28 -25.47
C TYR B 273 9.91 22.24 -25.27
N PHE B 274 9.86 21.11 -25.99
CA PHE B 274 10.67 19.90 -25.76
C PHE B 274 11.53 19.58 -27.00
N SER B 275 11.49 20.38 -28.03
CA SER B 275 12.32 20.15 -29.26
C SER B 275 13.75 20.67 -28.95
N ALA B 276 14.75 20.19 -29.71
CA ALA B 276 16.19 20.48 -29.51
C ALA B 276 16.40 21.99 -29.45
N PRO B 277 17.28 22.50 -28.54
CA PRO B 277 18.15 21.61 -27.74
C PRO B 277 17.59 20.90 -26.46
N ASN B 278 16.26 20.81 -26.24
CA ASN B 278 15.65 20.60 -24.89
C ASN B 278 15.12 19.19 -24.64
N SER B 279 15.09 18.33 -25.66
CA SER B 279 14.41 17.01 -25.66
C SER B 279 14.62 16.22 -24.35
N TYR B 280 15.84 16.16 -23.81
CA TYR B 280 16.22 15.16 -22.75
C TYR B 280 16.31 15.76 -21.36
N LEU B 281 16.18 17.09 -21.22
CA LEU B 281 16.25 17.80 -19.91
C LEU B 281 15.51 16.93 -18.90
N THR B 282 16.02 16.86 -17.67
CA THR B 282 15.50 16.07 -16.54
C THR B 282 14.36 16.84 -15.86
N GLY B 283 14.37 18.18 -15.97
CA GLY B 283 13.47 19.04 -15.16
C GLY B 283 14.17 19.63 -13.94
N CYS B 284 15.43 19.31 -13.67
CA CYS B 284 16.21 19.75 -12.48
C CYS B 284 17.55 20.41 -12.87
N THR B 285 17.67 20.91 -14.10
CA THR B 285 18.91 21.52 -14.69
C THR B 285 18.47 22.81 -15.40
N GLU B 286 19.36 23.80 -15.56
CA GLU B 286 19.01 25.11 -16.21
C GLU B 286 18.62 24.86 -17.67
N GLU B 287 17.81 25.75 -18.28
CA GLU B 287 17.60 25.80 -19.76
C GLU B 287 18.95 26.18 -20.37
N ILE B 288 19.22 25.76 -21.62
CA ILE B 288 20.51 26.00 -22.35
C ILE B 288 20.38 27.38 -23.01
N GLU B 289 21.47 28.18 -23.09
CA GLU B 289 21.42 29.60 -23.56
C GLU B 289 21.03 29.68 -25.06
N ARG B 290 20.74 30.89 -25.56
CA ARG B 290 20.24 31.17 -26.94
C ARG B 290 20.46 32.64 -27.27
#